data_9C7B
#
_entry.id   9C7B
#
_cell.length_a   43.722
_cell.length_b   55.793
_cell.length_c   76.675
_cell.angle_alpha   90.000
_cell.angle_beta   90.000
_cell.angle_gamma   90.000
#
_symmetry.space_group_name_H-M   'P 21 21 21'
#
loop_
_entity.id
_entity.type
_entity.pdbx_description
1 polymer 'Splicing factor U2AF 65 kDa subunit'
2 polymer "DNA/RNA (5'-R(P*UP*U)-D(P*U)-R(P*UP*U)-D(P*(BRU))-R(P*CP*C)-3')"
3 water water
#
loop_
_entity_poly.entity_id
_entity_poly.type
_entity_poly.pdbx_seq_one_letter_code
_entity_poly.pdbx_strand_id
1 'polypeptide(L)'
;GPLGSQMTRQARHLYVGNIPFGITEEAMMDFFNAQMRLGGLTQAPGNPVLAVQINQDKNFAFLEFRSVDETTQAMAFDGI
IFQGQSLKIRRPHDYQPLPGMSENPSVYVPGVVSTVVPDSAHKLFIGGLPNYLNDDQVKELLTSFGPLKAFNLVKDSATG
LSKGYAFCEYVDINVTDQAIAGLNGMQLGDKKLLVQRASVGAKN
;
A
2 'polydeoxyribonucleotide/polyribonucleotide hybrid' UU(DU)UU(BRU)CC B
#
# COMPACT_ATOMS: atom_id res chain seq x y z
N GLY A 4 -4.92 -3.83 -26.34
CA GLY A 4 -3.78 -3.56 -27.20
C GLY A 4 -2.62 -4.53 -27.03
N SER A 5 -1.42 -4.12 -27.46
CA SER A 5 -0.24 -4.94 -27.41
C SER A 5 0.49 -4.81 -26.07
N GLN A 6 1.42 -5.73 -25.82
CA GLN A 6 2.20 -5.67 -24.59
C GLN A 6 2.95 -4.34 -24.47
N MET A 7 3.57 -3.88 -25.56
CA MET A 7 4.26 -2.59 -25.52
C MET A 7 3.32 -1.47 -25.11
N THR A 8 2.13 -1.44 -25.72
CA THR A 8 1.15 -0.40 -25.38
C THR A 8 0.80 -0.43 -23.91
N ARG A 9 0.80 -1.60 -23.29
CA ARG A 9 0.37 -1.69 -21.89
C ARG A 9 1.47 -1.23 -20.95
N GLN A 10 2.74 -1.05 -21.36
CA GLN A 10 3.77 -0.77 -20.34
C GLN A 10 3.46 0.50 -19.54
N ALA A 11 2.93 1.53 -20.20
CA ALA A 11 2.60 2.79 -19.56
C ALA A 11 1.12 2.88 -19.20
N ARG A 12 0.36 1.80 -19.38
CA ARG A 12 -1.08 1.80 -19.17
C ARG A 12 -1.52 0.68 -18.24
N HIS A 13 -0.61 0.09 -17.47
CA HIS A 13 -1.05 -0.78 -16.40
C HIS A 13 -0.14 -0.70 -15.20
N LEU A 14 -0.68 -1.15 -14.06
CA LEU A 14 0.01 -1.13 -12.78
C LEU A 14 -0.08 -2.50 -12.14
N TYR A 15 0.99 -2.84 -11.43
CA TYR A 15 0.97 -3.94 -10.48
C TYR A 15 0.24 -3.56 -9.22
N VAL A 16 -0.57 -4.48 -8.71
CA VAL A 16 -1.24 -4.32 -7.42
C VAL A 16 -1.00 -5.59 -6.62
N GLY A 17 -0.28 -5.45 -5.51
CA GLY A 17 0.03 -6.57 -4.65
C GLY A 17 -0.80 -6.55 -3.37
N ASN A 18 -0.75 -7.67 -2.65
CA ASN A 18 -1.43 -7.77 -1.35
C ASN A 18 -2.95 -7.64 -1.50
N ILE A 19 -3.50 -8.20 -2.58
CA ILE A 19 -4.93 -8.09 -2.86
C ILE A 19 -5.75 -8.98 -1.91
N PRO A 20 -7.01 -8.64 -1.64
CA PRO A 20 -7.82 -9.45 -0.73
C PRO A 20 -7.99 -10.86 -1.28
N PHE A 21 -7.93 -11.85 -0.40
CA PHE A 21 -8.10 -13.21 -0.87
C PHE A 21 -9.50 -13.42 -1.44
N GLY A 22 -9.58 -14.10 -2.58
CA GLY A 22 -10.83 -14.42 -3.23
C GLY A 22 -11.55 -13.29 -3.93
N ILE A 23 -10.96 -12.09 -3.96
CA ILE A 23 -11.61 -11.00 -4.69
C ILE A 23 -11.71 -11.37 -6.17
N THR A 24 -12.78 -10.90 -6.81
CA THR A 24 -12.94 -11.12 -8.24
C THR A 24 -12.33 -9.97 -9.02
N GLU A 25 -12.02 -10.24 -10.28
CA GLU A 25 -11.55 -9.18 -11.17
C GLU A 25 -12.55 -8.05 -11.29
N GLU A 26 -13.84 -8.38 -11.42
CA GLU A 26 -14.86 -7.33 -11.53
C GLU A 26 -14.91 -6.48 -10.28
N ALA A 27 -14.84 -7.09 -9.08
CA ALA A 27 -14.89 -6.31 -7.85
C ALA A 27 -13.68 -5.39 -7.71
N MET A 28 -12.49 -5.87 -8.11
CA MET A 28 -11.28 -5.05 -8.15
CA MET A 28 -11.31 -5.03 -8.12
C MET A 28 -11.46 -3.89 -9.11
N MET A 29 -11.97 -4.17 -10.31
CA MET A 29 -12.17 -3.13 -11.29
C MET A 29 -13.16 -2.08 -10.79
N ASP A 30 -14.27 -2.52 -10.20
CA ASP A 30 -15.28 -1.59 -9.71
C ASP A 30 -14.73 -0.71 -8.58
N PHE A 31 -13.93 -1.31 -7.70
CA PHE A 31 -13.27 -0.56 -6.63
C PHE A 31 -12.39 0.56 -7.19
N PHE A 32 -11.49 0.24 -8.11
CA PHE A 32 -10.60 1.28 -8.62
C PHE A 32 -11.34 2.31 -9.45
N ASN A 33 -12.32 1.89 -10.25
CA ASN A 33 -13.11 2.88 -10.98
C ASN A 33 -13.84 3.81 -10.02
N ALA A 34 -14.43 3.28 -8.94
CA ALA A 34 -15.09 4.13 -7.95
C ALA A 34 -14.09 5.08 -7.30
N GLN A 35 -12.93 4.56 -6.89
CA GLN A 35 -11.96 5.43 -6.25
C GLN A 35 -11.51 6.56 -7.18
N MET A 36 -11.30 6.26 -8.46
CA MET A 36 -10.82 7.27 -9.39
CA MET A 36 -10.82 7.30 -9.34
C MET A 36 -11.90 8.30 -9.68
N ARG A 37 -13.13 7.83 -9.92
CA ARG A 37 -14.22 8.75 -10.24
C ARG A 37 -14.58 9.59 -9.03
N LEU A 38 -14.70 8.96 -7.86
CA LEU A 38 -15.11 9.68 -6.66
C LEU A 38 -14.01 10.58 -6.12
N GLY A 39 -12.77 10.34 -6.52
CA GLY A 39 -11.67 11.20 -6.18
C GLY A 39 -11.39 12.31 -7.15
N GLY A 40 -12.14 12.40 -8.25
CA GLY A 40 -11.88 13.43 -9.23
C GLY A 40 -10.63 13.22 -10.06
N LEU A 41 -10.24 11.98 -10.29
CA LEU A 41 -8.95 11.68 -10.89
C LEU A 41 -9.05 11.18 -12.32
N THR A 42 -10.17 11.39 -12.97
CA THR A 42 -10.33 10.96 -14.35
C THR A 42 -10.12 12.13 -15.30
N GLN A 43 -9.72 11.79 -16.53
CA GLN A 43 -9.41 12.74 -17.58
C GLN A 43 -10.53 12.85 -18.61
N ALA A 44 -11.57 12.04 -18.49
CA ALA A 44 -12.68 12.02 -19.43
C ALA A 44 -13.84 11.34 -18.73
N PRO A 45 -15.06 11.53 -19.23
CA PRO A 45 -16.19 10.76 -18.70
C PRO A 45 -15.92 9.27 -18.84
N GLY A 46 -16.56 8.50 -17.98
CA GLY A 46 -16.43 7.06 -18.07
C GLY A 46 -15.42 6.48 -17.09
N ASN A 47 -15.14 5.19 -17.29
CA ASN A 47 -14.31 4.44 -16.34
C ASN A 47 -12.87 4.39 -16.82
N PRO A 48 -11.91 4.78 -15.98
CA PRO A 48 -10.50 4.67 -16.40
C PRO A 48 -9.95 3.25 -16.47
N VAL A 49 -10.45 2.32 -15.66
CA VAL A 49 -9.91 0.98 -15.60
C VAL A 49 -10.73 0.11 -16.52
N LEU A 50 -10.07 -0.49 -17.51
CA LEU A 50 -10.69 -1.36 -18.51
C LEU A 50 -10.72 -2.82 -18.10
N ALA A 51 -9.76 -3.27 -17.30
CA ALA A 51 -9.67 -4.66 -16.96
C ALA A 51 -8.73 -4.85 -15.78
N VAL A 52 -8.87 -5.99 -15.13
CA VAL A 52 -8.02 -6.42 -14.04
C VAL A 52 -7.71 -7.89 -14.29
N GLN A 53 -6.44 -8.25 -14.26
CA GLN A 53 -6.03 -9.64 -14.39
C GLN A 53 -5.41 -10.06 -13.07
N ILE A 54 -6.02 -11.02 -12.42
CA ILE A 54 -5.57 -11.50 -11.11
C ILE A 54 -4.80 -12.80 -11.27
N ASN A 55 -3.69 -12.88 -10.57
CA ASN A 55 -3.00 -14.15 -10.33
C ASN A 55 -3.29 -14.51 -8.86
N GLN A 56 -4.28 -15.36 -8.62
CA GLN A 56 -4.67 -15.59 -7.24
C GLN A 56 -3.59 -16.35 -6.46
N ASP A 57 -2.96 -17.33 -7.11
CA ASP A 57 -1.93 -18.12 -6.43
C ASP A 57 -0.73 -17.28 -6.03
N LYS A 58 -0.46 -16.20 -6.75
CA LYS A 58 0.69 -15.36 -6.44
C LYS A 58 0.29 -14.05 -5.76
N ASN A 59 -1.01 -13.80 -5.54
CA ASN A 59 -1.47 -12.71 -4.68
C ASN A 59 -1.21 -11.33 -5.30
N PHE A 60 -1.31 -11.20 -6.61
CA PHE A 60 -1.19 -9.90 -7.24
C PHE A 60 -2.13 -9.80 -8.43
N ALA A 61 -2.37 -8.56 -8.83
CA ALA A 61 -3.15 -8.27 -10.02
C ALA A 61 -2.42 -7.23 -10.86
N PHE A 62 -2.82 -7.14 -12.12
CA PHE A 62 -2.45 -6.00 -12.96
C PHE A 62 -3.73 -5.27 -13.35
N LEU A 63 -3.73 -3.96 -13.12
CA LEU A 63 -4.85 -3.12 -13.48
C LEU A 63 -4.53 -2.49 -14.81
N GLU A 64 -5.46 -2.60 -15.76
CA GLU A 64 -5.27 -2.06 -17.10
C GLU A 64 -6.13 -0.81 -17.27
N PHE A 65 -5.50 0.30 -17.66
CA PHE A 65 -6.15 1.59 -17.79
C PHE A 65 -6.31 1.97 -19.27
N ARG A 66 -7.22 2.91 -19.51
CA ARG A 66 -7.46 3.37 -20.86
C ARG A 66 -6.50 4.49 -21.29
N SER A 67 -5.74 5.05 -20.36
CA SER A 67 -4.89 6.18 -20.68
C SER A 67 -3.61 6.20 -19.84
N VAL A 68 -2.58 6.83 -20.40
CA VAL A 68 -1.29 6.96 -19.71
C VAL A 68 -1.43 7.83 -18.46
N ASP A 69 -2.13 8.98 -18.57
CA ASP A 69 -2.21 9.92 -17.46
C ASP A 69 -3.00 9.31 -16.30
N GLU A 70 -4.08 8.58 -16.58
CA GLU A 70 -4.85 7.97 -15.50
C GLU A 70 -4.06 6.87 -14.81
N THR A 71 -3.23 6.13 -15.55
CA THR A 71 -2.34 5.14 -14.94
C THR A 71 -1.41 5.80 -13.94
N THR A 72 -0.79 6.91 -14.36
CA THR A 72 0.13 7.62 -13.48
C THR A 72 -0.59 8.10 -12.22
N GLN A 73 -1.77 8.70 -12.40
CA GLN A 73 -2.47 9.21 -11.22
C GLN A 73 -2.85 8.11 -10.25
N ALA A 74 -3.16 6.92 -10.75
CA ALA A 74 -3.55 5.82 -9.87
C ALA A 74 -2.42 5.37 -8.96
N MET A 75 -1.17 5.70 -9.28
CA MET A 75 -0.07 5.41 -8.34
C MET A 75 -0.30 6.08 -6.99
N ALA A 76 -1.09 7.16 -6.95
CA ALA A 76 -1.34 7.85 -5.69
C ALA A 76 -2.20 7.04 -4.74
N PHE A 77 -2.77 5.93 -5.19
CA PHE A 77 -3.57 5.06 -4.33
C PHE A 77 -2.75 4.00 -3.63
N ASP A 78 -1.43 4.01 -3.80
CA ASP A 78 -0.60 3.04 -3.10
C ASP A 78 -0.86 3.13 -1.60
N GLY A 79 -1.20 1.99 -1.01
CA GLY A 79 -1.51 1.93 0.41
C GLY A 79 -2.97 2.00 0.77
N ILE A 80 -3.86 2.25 -0.19
CA ILE A 80 -5.27 2.37 0.15
C ILE A 80 -5.75 1.06 0.77
N ILE A 81 -6.61 1.17 1.78
CA ILE A 81 -7.16 0.00 2.47
C ILE A 81 -8.42 -0.47 1.77
N PHE A 82 -8.45 -1.77 1.48
CA PHE A 82 -9.59 -2.41 0.83
C PHE A 82 -9.75 -3.78 1.45
N GLN A 83 -10.89 -4.04 2.07
CA GLN A 83 -11.14 -5.32 2.74
C GLN A 83 -9.97 -5.68 3.67
N GLY A 84 -9.49 -4.68 4.40
CA GLY A 84 -8.50 -4.89 5.44
C GLY A 84 -7.07 -4.90 4.98
N GLN A 85 -6.83 -4.81 3.67
CA GLN A 85 -5.51 -4.95 3.09
C GLN A 85 -4.99 -3.62 2.57
N SER A 86 -3.70 -3.36 2.78
CA SER A 86 -3.03 -2.22 2.14
C SER A 86 -2.59 -2.61 0.74
N LEU A 87 -3.22 -2.05 -0.29
CA LEU A 87 -2.83 -2.44 -1.64
C LEU A 87 -1.47 -1.86 -2.02
N LYS A 88 -0.59 -2.70 -2.56
CA LYS A 88 0.75 -2.29 -2.94
C LYS A 88 0.73 -1.97 -4.44
N ILE A 89 0.75 -0.71 -4.80
CA ILE A 89 0.65 -0.30 -6.20
C ILE A 89 2.05 0.08 -6.70
N ARG A 90 2.47 -0.51 -7.82
CA ARG A 90 3.79 -0.26 -8.35
C ARG A 90 3.73 -0.22 -9.88
N ARG A 91 4.75 0.39 -10.48
CA ARG A 91 4.89 0.30 -11.93
C ARG A 91 5.29 -1.11 -12.32
N PRO A 92 4.94 -1.56 -13.52
CA PRO A 92 5.60 -2.73 -14.10
C PRO A 92 7.09 -2.49 -14.16
N HIS A 93 7.87 -3.56 -13.97
CA HIS A 93 9.31 -3.38 -13.94
C HIS A 93 9.86 -2.87 -15.27
N ASP A 94 9.17 -3.14 -16.39
CA ASP A 94 9.62 -2.68 -17.69
C ASP A 94 9.04 -1.34 -18.11
N TYR A 95 8.34 -0.64 -17.22
CA TYR A 95 7.86 0.69 -17.53
C TYR A 95 9.00 1.60 -17.98
N GLN A 96 8.75 2.39 -19.02
CA GLN A 96 9.70 3.43 -19.39
C GLN A 96 8.96 4.76 -19.45
N PRO A 97 9.51 5.83 -18.89
CA PRO A 97 8.87 7.15 -19.04
C PRO A 97 8.70 7.51 -20.51
N LEU A 98 7.53 8.09 -20.85
CA LEU A 98 7.26 8.53 -22.22
C LEU A 98 7.55 10.00 -22.35
N PRO A 99 8.01 10.44 -23.52
CA PRO A 99 8.30 11.87 -23.71
C PRO A 99 7.12 12.73 -23.30
N GLY A 100 7.39 13.71 -22.45
CA GLY A 100 6.38 14.66 -22.07
C GLY A 100 5.33 14.15 -21.11
N MET A 101 5.42 12.91 -20.65
CA MET A 101 4.38 12.31 -19.77
C MET A 101 5.00 12.21 -18.39
N SER A 102 4.30 12.72 -17.38
CA SER A 102 4.74 12.67 -15.97
C SER A 102 4.97 11.23 -15.51
N GLU A 103 6.05 10.96 -14.80
CA GLU A 103 6.31 9.63 -14.23
C GLU A 103 5.61 9.49 -12.88
N ASN A 104 5.36 10.58 -12.18
CA ASN A 104 4.81 10.50 -10.84
C ASN A 104 3.46 11.20 -10.78
N PRO A 105 2.59 10.78 -9.89
CA PRO A 105 1.28 11.41 -9.77
C PRO A 105 1.43 12.87 -9.38
N SER A 106 0.51 13.68 -9.89
CA SER A 106 0.53 15.10 -9.63
C SER A 106 -0.34 15.46 -8.44
N VAL A 107 -1.32 14.63 -8.12
CA VAL A 107 -2.32 14.95 -7.10
C VAL A 107 -2.22 13.91 -5.98
N TYR A 108 -2.22 14.38 -4.74
CA TYR A 108 -2.25 13.52 -3.56
C TYR A 108 -3.69 13.17 -3.24
N VAL A 109 -3.92 11.95 -2.77
CA VAL A 109 -5.24 11.46 -2.37
C VAL A 109 -5.32 11.51 -0.85
N PRO A 110 -6.16 12.36 -0.28
CA PRO A 110 -6.21 12.46 1.18
C PRO A 110 -6.50 11.12 1.82
N GLY A 111 -5.80 10.84 2.89
CA GLY A 111 -6.08 9.69 3.70
C GLY A 111 -5.23 8.48 3.35
N VAL A 112 -4.63 8.45 2.17
CA VAL A 112 -3.93 7.26 1.71
C VAL A 112 -2.50 7.32 2.21
N VAL A 113 -2.07 6.25 2.87
CA VAL A 113 -0.73 6.13 3.46
C VAL A 113 0.08 5.20 2.58
N SER A 114 1.18 5.72 2.02
CA SER A 114 2.08 4.96 1.17
C SER A 114 2.58 3.70 1.86
N THR A 115 2.86 2.67 1.06
CA THR A 115 3.48 1.45 1.54
C THR A 115 4.98 1.46 1.35
N VAL A 116 5.53 2.51 0.74
CA VAL A 116 6.97 2.61 0.51
C VAL A 116 7.59 3.25 1.74
N VAL A 117 8.36 2.48 2.52
CA VAL A 117 8.92 2.96 3.78
C VAL A 117 10.45 2.90 3.65
N PRO A 118 11.09 3.92 3.10
CA PRO A 118 12.55 3.83 2.96
C PRO A 118 13.27 3.85 4.30
N ASP A 119 14.41 3.17 4.34
CA ASP A 119 15.28 3.31 5.49
C ASP A 119 15.60 4.79 5.71
N SER A 120 15.50 5.23 6.96
CA SER A 120 15.67 6.64 7.32
C SER A 120 15.80 6.72 8.83
N ALA A 121 16.15 7.94 9.30
CA ALA A 121 16.43 8.16 10.71
C ALA A 121 15.32 7.68 11.63
N HIS A 122 14.06 7.95 11.28
CA HIS A 122 12.92 7.72 12.16
C HIS A 122 11.99 6.62 11.68
N LYS A 123 12.43 5.83 10.70
CA LYS A 123 11.69 4.61 10.37
C LYS A 123 11.64 3.68 11.58
N LEU A 124 10.45 3.19 11.90
CA LEU A 124 10.23 2.30 13.03
C LEU A 124 10.06 0.86 12.59
N PHE A 125 10.54 -0.04 13.42
CA PHE A 125 10.22 -1.46 13.44
C PHE A 125 9.25 -1.74 14.56
N ILE A 126 8.19 -2.49 14.25
CA ILE A 126 7.18 -2.94 15.21
C ILE A 126 7.15 -4.45 15.13
N GLY A 127 7.66 -5.12 16.17
CA GLY A 127 7.69 -6.56 16.19
C GLY A 127 6.80 -7.12 17.28
N GLY A 128 6.53 -8.42 17.20
CA GLY A 128 5.71 -9.09 18.19
C GLY A 128 4.23 -8.94 17.97
N LEU A 129 3.80 -8.51 16.77
CA LEU A 129 2.39 -8.40 16.49
C LEU A 129 1.78 -9.78 16.34
N PRO A 130 0.57 -9.99 16.88
CA PRO A 130 -0.16 -11.22 16.55
C PRO A 130 -0.32 -11.35 15.05
N ASN A 131 -0.06 -12.58 14.54
CA ASN A 131 0.04 -12.80 13.10
CA ASN A 131 0.06 -12.72 13.09
C ASN A 131 -1.30 -12.69 12.40
N TYR A 132 -2.40 -12.72 13.14
CA TYR A 132 -3.72 -12.70 12.53
C TYR A 132 -4.29 -11.30 12.35
N LEU A 133 -3.62 -10.26 12.86
CA LEU A 133 -4.09 -8.89 12.64
C LEU A 133 -3.74 -8.47 11.21
N ASN A 134 -4.67 -7.78 10.57
CA ASN A 134 -4.50 -7.36 9.19
C ASN A 134 -3.90 -5.95 9.12
N ASP A 135 -3.66 -5.47 7.90
CA ASP A 135 -3.00 -4.20 7.72
C ASP A 135 -3.79 -3.07 8.36
N ASP A 136 -5.12 -3.07 8.15
CA ASP A 136 -5.95 -1.99 8.69
C ASP A 136 -5.88 -1.95 10.22
N GLN A 137 -5.89 -3.11 10.85
CA GLN A 137 -5.86 -3.19 12.30
C GLN A 137 -4.53 -2.69 12.86
N VAL A 138 -3.42 -3.08 12.23
CA VAL A 138 -2.12 -2.61 12.68
C VAL A 138 -1.97 -1.12 12.41
N LYS A 139 -2.44 -0.65 11.25
CA LYS A 139 -2.39 0.76 10.95
C LYS A 139 -3.16 1.56 12.00
N GLU A 140 -4.32 1.07 12.41
CA GLU A 140 -5.11 1.81 13.39
C GLU A 140 -4.42 1.85 14.74
N LEU A 141 -3.71 0.78 15.10
CA LEU A 141 -2.95 0.77 16.33
C LEU A 141 -1.88 1.87 16.33
N LEU A 142 -1.17 2.03 15.21
CA LEU A 142 -0.12 3.03 15.12
C LEU A 142 -0.65 4.47 15.01
N THR A 143 -1.79 4.66 14.34
CA THR A 143 -2.21 6.02 14.04
CA THR A 143 -2.29 5.98 14.01
C THR A 143 -2.82 6.72 15.23
N SER A 144 -3.05 6.03 16.35
CA SER A 144 -3.52 6.77 17.52
C SER A 144 -2.48 7.80 17.98
N PHE A 145 -1.19 7.54 17.75
CA PHE A 145 -0.13 8.48 18.13
C PHE A 145 0.00 9.68 17.20
N GLY A 146 -0.41 9.52 15.94
CA GLY A 146 -0.32 10.59 14.97
C GLY A 146 -0.40 10.01 13.58
N PRO A 147 -0.59 10.87 12.60
CA PRO A 147 -0.72 10.38 11.21
C PRO A 147 0.57 9.78 10.68
N LEU A 148 0.39 8.80 9.83
CA LEU A 148 1.50 8.09 9.21
C LEU A 148 1.81 8.66 7.84
N LYS A 149 3.11 8.71 7.51
CA LYS A 149 3.61 9.06 6.16
C LYS A 149 3.75 7.74 5.37
N ALA A 150 4.07 6.62 6.03
CA ALA A 150 4.27 5.37 5.31
C ALA A 150 4.15 4.22 6.27
N PHE A 151 3.75 3.05 5.77
CA PHE A 151 3.53 1.88 6.60
C PHE A 151 3.51 0.63 5.74
N ASN A 152 4.14 -0.44 6.24
CA ASN A 152 3.95 -1.75 5.63
C ASN A 152 4.01 -2.85 6.68
N LEU A 153 3.02 -3.74 6.65
CA LEU A 153 2.98 -4.94 7.46
C LEU A 153 3.51 -6.07 6.59
N VAL A 154 4.50 -6.79 7.09
CA VAL A 154 5.15 -7.84 6.28
C VAL A 154 4.31 -9.10 6.31
N LYS A 155 3.95 -9.59 5.12
CA LYS A 155 3.10 -10.75 4.97
C LYS A 155 3.89 -11.97 4.52
N ASP A 156 3.36 -13.15 4.84
CA ASP A 156 3.90 -14.39 4.32
C ASP A 156 3.46 -14.57 2.87
N SER A 157 4.42 -14.82 1.99
CA SER A 157 4.11 -15.00 0.57
C SER A 157 3.12 -16.13 0.30
N ALA A 158 3.01 -17.11 1.20
CA ALA A 158 2.22 -18.31 0.93
C ALA A 158 0.85 -18.34 1.61
N THR A 159 0.68 -17.62 2.73
CA THR A 159 -0.59 -17.66 3.46
C THR A 159 -1.35 -16.34 3.45
N GLY A 160 -0.67 -15.22 3.20
CA GLY A 160 -1.28 -13.92 3.43
C GLY A 160 -1.38 -13.53 4.90
N LEU A 161 -1.12 -14.45 5.82
CA LEU A 161 -0.94 -14.10 7.22
C LEU A 161 0.30 -13.22 7.36
N SER A 162 0.36 -12.45 8.44
CA SER A 162 1.54 -11.63 8.58
C SER A 162 2.68 -12.41 9.23
N LYS A 163 3.88 -11.88 9.06
CA LYS A 163 5.04 -12.43 9.73
C LYS A 163 5.19 -11.90 11.14
N GLY A 164 4.27 -11.06 11.61
CA GLY A 164 4.33 -10.56 12.96
C GLY A 164 5.13 -9.30 13.14
N TYR A 165 5.41 -8.57 12.08
CA TYR A 165 6.17 -7.34 12.24
C TYR A 165 5.86 -6.41 11.08
N ALA A 166 6.07 -5.13 11.35
CA ALA A 166 5.74 -4.07 10.42
C ALA A 166 6.75 -2.95 10.53
N PHE A 167 6.69 -2.02 9.58
CA PHE A 167 7.56 -0.85 9.57
C PHE A 167 6.69 0.36 9.30
N CYS A 168 7.11 1.51 9.83
CA CYS A 168 6.34 2.72 9.58
C CYS A 168 7.19 3.98 9.74
N GLU A 169 6.61 5.10 9.31
CA GLU A 169 7.20 6.41 9.47
C GLU A 169 6.06 7.38 9.72
N TYR A 170 6.15 8.14 10.81
CA TYR A 170 5.16 9.17 11.12
C TYR A 170 5.41 10.44 10.33
N VAL A 171 4.32 11.18 10.08
CA VAL A 171 4.47 12.50 9.47
C VAL A 171 5.33 13.40 10.33
N ASP A 172 5.06 13.45 11.62
CA ASP A 172 5.79 14.26 12.58
C ASP A 172 6.91 13.41 13.16
N ILE A 173 8.17 13.79 12.90
CA ILE A 173 9.26 12.97 13.40
C ILE A 173 9.23 12.82 14.90
N ASN A 174 8.65 13.77 15.61
CA ASN A 174 8.61 13.72 17.07
C ASN A 174 7.62 12.70 17.60
N VAL A 175 6.68 12.24 16.78
CA VAL A 175 5.77 11.20 17.22
C VAL A 175 6.50 9.88 17.39
N THR A 176 7.62 9.71 16.69
CA THR A 176 8.38 8.47 16.75
C THR A 176 8.63 8.04 18.18
N ASP A 177 9.17 8.95 19.00
CA ASP A 177 9.51 8.62 20.38
C ASP A 177 8.26 8.46 21.24
N GLN A 178 7.16 9.12 20.88
CA GLN A 178 5.92 8.93 21.63
C GLN A 178 5.33 7.56 21.37
N ALA A 179 5.41 7.09 20.12
CA ALA A 179 4.94 5.76 19.76
C ALA A 179 5.81 4.66 20.41
N ILE A 180 7.13 4.86 20.42
CA ILE A 180 7.99 3.93 21.16
C ILE A 180 7.57 3.86 22.62
N ALA A 181 7.40 5.03 23.26
CA ALA A 181 7.08 5.04 24.68
C ALA A 181 5.76 4.34 24.96
N GLY A 182 4.79 4.48 24.08
CA GLY A 182 3.49 3.92 24.33
C GLY A 182 3.39 2.42 24.05
N LEU A 183 3.99 2.01 22.94
CA LEU A 183 3.79 0.67 22.41
C LEU A 183 4.89 -0.30 22.79
N ASN A 184 6.11 0.15 23.04
CA ASN A 184 7.16 -0.81 23.33
C ASN A 184 6.85 -1.52 24.65
N GLY A 185 6.94 -2.85 24.63
CA GLY A 185 6.62 -3.66 25.79
C GLY A 185 5.14 -3.88 26.04
N MET A 186 4.27 -3.38 25.18
CA MET A 186 2.86 -3.56 25.41
C MET A 186 2.43 -4.98 25.13
N GLN A 187 1.63 -5.54 26.04
CA GLN A 187 1.05 -6.86 25.83
C GLN A 187 -0.06 -6.76 24.81
N LEU A 188 -0.01 -7.61 23.80
CA LEU A 188 -1.06 -7.69 22.81
C LEU A 188 -1.17 -9.18 22.48
N GLY A 189 -2.28 -9.77 22.90
CA GLY A 189 -2.41 -11.21 22.84
C GLY A 189 -1.42 -11.87 23.76
N ASP A 190 -0.89 -12.99 23.30
CA ASP A 190 0.17 -13.70 23.97
C ASP A 190 1.54 -13.13 23.65
N LYS A 191 1.61 -11.95 23.05
CA LYS A 191 2.86 -11.37 22.61
C LYS A 191 3.12 -10.08 23.40
N LYS A 192 4.35 -9.63 23.39
CA LYS A 192 4.70 -8.28 23.81
C LYS A 192 5.34 -7.57 22.64
N LEU A 193 4.97 -6.32 22.40
CA LEU A 193 5.52 -5.65 21.24
C LEU A 193 6.95 -5.17 21.51
N LEU A 194 7.75 -5.14 20.45
CA LEU A 194 9.04 -4.47 20.41
C LEU A 194 8.92 -3.33 19.40
N VAL A 195 9.14 -2.11 19.85
CA VAL A 195 9.04 -0.93 18.97
C VAL A 195 10.31 -0.11 19.17
N GLN A 196 11.07 0.04 18.09
CA GLN A 196 12.34 0.76 18.11
C GLN A 196 12.63 1.23 16.69
N ARG A 197 13.52 2.18 16.54
CA ARG A 197 13.94 2.54 15.18
C ARG A 197 14.51 1.33 14.45
N ALA A 198 14.11 1.18 13.18
CA ALA A 198 14.43 -0.03 12.43
C ALA A 198 15.93 -0.16 12.23
N SER A 199 16.66 0.94 12.23
CA SER A 199 18.11 0.85 12.05
C SER A 199 18.78 0.10 13.19
N VAL A 200 18.15 0.05 14.37
CA VAL A 200 18.78 -0.55 15.54
C VAL A 200 18.97 -2.05 15.37
N GLY A 201 17.96 -2.74 14.84
CA GLY A 201 18.00 -4.18 14.70
C GLY A 201 18.11 -4.70 13.29
N ALA A 202 18.34 -3.83 12.30
CA ALA A 202 18.35 -4.28 10.92
C ALA A 202 19.52 -5.21 10.68
N LYS A 203 19.25 -6.30 9.97
CA LYS A 203 20.27 -7.36 9.84
C LYS A 203 21.57 -6.82 9.25
N ASN A 204 21.52 -6.33 8.02
CA ASN A 204 22.73 -5.83 7.35
C ASN A 204 22.43 -5.40 5.92
#